data_2K41
#
_entry.id   2K41
#
loop_
_entity.id
_entity.type
_entity.pdbx_description
1 polymer "RNA_(5'-R(*GP*UP*CP*GP*UP*GP*CP*UP*G)-3')_"
2 polymer "RNA_(5'-R(*CP*AP*GP*CP*CP*GP*AP*C)-3')_"
#
loop_
_entity_poly.entity_id
_entity_poly.type
_entity_poly.pdbx_seq_one_letter_code
_entity_poly.pdbx_strand_id
1 'polyribonucleotide' GUCGUGCUG A
2 'polyribonucleotide' CAGCCGAC B
#